data_7HBG
#
_entry.id   7HBG
#
_cell.length_a   65.731
_cell.length_b   89.113
_cell.length_c   99.516
_cell.angle_alpha   90.000
_cell.angle_beta   90.000
_cell.angle_gamma   90.000
#
_symmetry.space_group_name_H-M   'I 2 2 2'
#
loop_
_entity.id
_entity.type
_entity.pdbx_description
1 polymer 'Heat shock protein HSP 90-alpha'
2 non-polymer N-methyl-1-{4-[(pyridin-2-yl)oxy]phenyl}methanamine
3 water water
#
_entity_poly.entity_id   1
_entity_poly.type   'polypeptide(L)'
_entity_poly.pdbx_seq_one_letter_code
;MDQPMEEEEVETFAFQAEIAQLMSLIINTFYSNKEIFLRELISNSSDALDKIRYESLTDPSKLDSGKELHINLIPNKQDR
TLTIVDTGIGMTKADLINNLGTIAKSGTKAFMEALQAGADISMIGQFGVGFYSAYLVAEKVTVITKHNDDEQYAWESSAG
GSFTVRTDTGEPMGRGTKVILHLKEDQTEYLEERRIKEIVKKHSQFIGYPITLFVEKERDKEVSDDEAELEHHHHHH
;
_entity_poly.pdbx_strand_id   A
#
loop_
_chem_comp.id
_chem_comp.type
_chem_comp.name
_chem_comp.formula
A1AYB non-polymer N-methyl-1-{4-[(pyridin-2-yl)oxy]phenyl}methanamine 'C13 H14 N2 O'
#
# COMPACT_ATOMS: atom_id res chain seq x y z
N GLU A 9 9.70 -20.30 7.89
CA GLU A 9 9.18 -20.80 6.63
C GLU A 9 8.80 -19.66 5.68
N VAL A 10 9.56 -19.49 4.62
CA VAL A 10 9.35 -18.42 3.65
C VAL A 10 8.94 -19.04 2.32
N GLU A 11 7.81 -18.61 1.77
CA GLU A 11 7.36 -19.06 0.47
C GLU A 11 7.60 -17.97 -0.57
N THR A 12 8.15 -18.38 -1.72
CA THR A 12 8.47 -17.46 -2.80
C THR A 12 7.56 -17.76 -3.99
N PHE A 13 6.93 -16.72 -4.53
CA PHE A 13 5.99 -16.81 -5.62
C PHE A 13 6.45 -15.96 -6.79
N ALA A 14 6.06 -16.36 -8.00
CA ALA A 14 6.27 -15.52 -9.18
C ALA A 14 5.05 -14.63 -9.37
N PHE A 15 5.28 -13.34 -9.65
CA PHE A 15 4.20 -12.48 -10.12
C PHE A 15 3.64 -13.04 -11.41
N GLN A 16 2.33 -12.96 -11.58
CA GLN A 16 1.76 -13.17 -12.91
C GLN A 16 2.46 -12.24 -13.89
N ALA A 17 2.58 -12.70 -15.13
CA ALA A 17 3.32 -11.96 -16.14
C ALA A 17 2.83 -10.52 -16.27
N GLU A 18 1.51 -10.32 -16.26
CA GLU A 18 0.99 -8.97 -16.49
C GLU A 18 1.33 -8.04 -15.35
N ILE A 19 1.38 -8.56 -14.11
CA ILE A 19 1.74 -7.74 -12.97
C ILE A 19 3.23 -7.44 -13.00
N ALA A 20 4.04 -8.41 -13.42
CA ALA A 20 5.46 -8.14 -13.58
C ALA A 20 5.68 -7.03 -14.61
N GLN A 21 4.90 -7.02 -15.71
CA GLN A 21 5.03 -5.96 -16.72
C GLN A 21 4.61 -4.61 -16.14
N LEU A 22 3.54 -4.60 -15.33
CA LEU A 22 3.12 -3.35 -14.69
C LEU A 22 4.22 -2.80 -13.81
N MET A 23 4.86 -3.66 -13.04
CA MET A 23 5.89 -3.21 -12.11
C MET A 23 7.11 -2.70 -12.86
N SER A 24 7.48 -3.38 -13.94
CA SER A 24 8.61 -2.93 -14.76
C SER A 24 8.31 -1.58 -15.41
N LEU A 25 7.07 -1.36 -15.84
CA LEU A 25 6.71 -0.07 -16.41
C LEU A 25 6.80 1.04 -15.37
N ILE A 26 6.34 0.76 -14.14
CA ILE A 26 6.38 1.77 -13.09
C ILE A 26 7.81 2.10 -12.73
N ILE A 27 8.69 1.10 -12.74
CA ILE A 27 10.08 1.32 -12.33
C ILE A 27 10.89 2.00 -13.43
N ASN A 28 10.59 1.70 -14.69
CA ASN A 28 11.50 2.08 -15.77
C ASN A 28 11.02 3.25 -16.61
N THR A 29 9.75 3.64 -16.52
CA THR A 29 9.27 4.78 -17.30
C THR A 29 9.70 6.08 -16.63
N PHE A 30 10.26 7.00 -17.41
CA PHE A 30 10.58 8.32 -16.88
C PHE A 30 9.29 9.08 -16.58
N TYR A 31 9.11 9.47 -15.32
CA TYR A 31 7.85 10.09 -14.91
C TYR A 31 8.12 10.83 -13.60
N SER A 32 8.14 12.16 -13.65
CA SER A 32 8.65 12.94 -12.54
C SER A 32 7.67 13.07 -11.37
N ASN A 33 6.36 12.90 -11.63
CA ASN A 33 5.32 13.17 -10.64
C ASN A 33 5.13 11.98 -9.69
N LYS A 34 6.23 11.62 -9.02
CA LYS A 34 6.24 10.41 -8.20
C LYS A 34 5.38 10.52 -6.95
N GLU A 35 5.10 11.75 -6.48
CA GLU A 35 4.41 11.96 -5.21
C GLU A 35 3.05 11.26 -5.14
N ILE A 36 2.47 10.89 -6.29
CA ILE A 36 1.13 10.31 -6.27
C ILE A 36 1.10 8.96 -5.56
N PHE A 37 2.26 8.32 -5.35
CA PHE A 37 2.27 7.05 -4.61
C PHE A 37 1.56 7.21 -3.28
N LEU A 38 1.74 8.36 -2.62
CA LEU A 38 1.21 8.49 -1.27
C LEU A 38 -0.30 8.67 -1.31
N ARG A 39 -0.80 9.41 -2.29
CA ARG A 39 -2.23 9.52 -2.51
C ARG A 39 -2.85 8.15 -2.70
N GLU A 40 -2.19 7.30 -3.50
CA GLU A 40 -2.75 6.01 -3.83
C GLU A 40 -2.79 5.10 -2.62
N LEU A 41 -1.73 5.11 -1.80
CA LEU A 41 -1.71 4.23 -0.63
C LEU A 41 -2.68 4.72 0.45
N ILE A 42 -2.80 6.04 0.61
CA ILE A 42 -3.79 6.55 1.55
C ILE A 42 -5.20 6.22 1.07
N SER A 43 -5.43 6.30 -0.25
CA SER A 43 -6.75 5.95 -0.76
C SER A 43 -7.03 4.46 -0.52
N ASN A 44 -6.03 3.61 -0.74
CA ASN A 44 -6.18 2.19 -0.45
C ASN A 44 -6.51 1.96 1.02
N SER A 45 -5.83 2.69 1.90
CA SER A 45 -6.11 2.57 3.33
C SER A 45 -7.53 3.01 3.65
N SER A 46 -8.00 4.13 3.07
CA SER A 46 -9.38 4.54 3.28
C SER A 46 -10.35 3.46 2.80
N ASP A 47 -10.05 2.82 1.66
CA ASP A 47 -10.92 1.76 1.16
C ASP A 47 -11.00 0.61 2.15
N ALA A 48 -9.86 0.23 2.73
CA ALA A 48 -9.82 -0.89 3.66
C ALA A 48 -10.55 -0.54 4.95
N LEU A 49 -10.44 0.71 5.39
CA LEU A 49 -11.18 1.15 6.56
C LEU A 49 -12.68 1.16 6.29
N ASP A 50 -13.09 1.59 5.08
CA ASP A 50 -14.52 1.56 4.75
C ASP A 50 -15.06 0.13 4.84
N LYS A 51 -14.26 -0.85 4.43
CA LYS A 51 -14.72 -2.24 4.39
C LYS A 51 -14.99 -2.77 5.79
N ILE A 52 -14.07 -2.53 6.73
CA ILE A 52 -14.32 -3.03 8.08
C ILE A 52 -15.42 -2.21 8.74
N ARG A 53 -15.53 -0.92 8.42
CA ARG A 53 -16.67 -0.18 8.97
C ARG A 53 -17.98 -0.79 8.50
N TYR A 54 -18.08 -1.12 7.21
CA TYR A 54 -19.34 -1.63 6.69
C TYR A 54 -19.69 -2.98 7.33
N GLU A 55 -18.70 -3.86 7.48
CA GLU A 55 -18.98 -5.15 8.11
C GLU A 55 -19.44 -4.95 9.55
N SER A 56 -18.85 -3.96 10.24
CA SER A 56 -19.21 -3.71 11.63
C SER A 56 -20.62 -3.14 11.80
N LEU A 57 -21.25 -2.67 10.71
CA LEU A 57 -22.61 -2.13 10.84
C LEU A 57 -23.63 -3.21 11.16
N THR A 58 -23.35 -4.47 10.80
CA THR A 58 -24.25 -5.57 11.10
C THR A 58 -23.67 -6.56 12.09
N ASP A 59 -22.36 -6.52 12.34
CA ASP A 59 -21.71 -7.42 13.30
C ASP A 59 -20.70 -6.58 14.07
N PRO A 60 -21.11 -6.01 15.21
CA PRO A 60 -20.18 -5.15 15.97
C PRO A 60 -18.92 -5.87 16.42
N SER A 61 -18.97 -7.19 16.63
CA SER A 61 -17.80 -7.92 17.09
C SER A 61 -16.65 -7.87 16.09
N LYS A 62 -16.89 -7.45 14.85
CA LYS A 62 -15.80 -7.32 13.89
C LYS A 62 -14.77 -6.30 14.36
N LEU A 63 -15.13 -5.41 15.27
CA LEU A 63 -14.19 -4.44 15.82
C LEU A 63 -13.63 -4.87 17.17
N ASP A 64 -13.85 -6.12 17.58
CA ASP A 64 -13.18 -6.62 18.78
C ASP A 64 -11.67 -6.56 18.65
N SER A 65 -11.17 -6.63 17.42
CA SER A 65 -9.73 -6.54 17.15
C SER A 65 -9.22 -5.10 17.11
N GLY A 66 -10.08 -4.12 17.39
CA GLY A 66 -9.66 -2.73 17.41
C GLY A 66 -10.78 -1.81 16.95
N LYS A 67 -11.20 -0.88 17.81
CA LYS A 67 -12.30 0.01 17.46
C LYS A 67 -11.85 1.23 16.68
N GLU A 68 -10.58 1.62 16.79
CA GLU A 68 -10.13 2.86 16.16
C GLU A 68 -9.89 2.65 14.67
N LEU A 69 -10.35 3.61 13.87
CA LEU A 69 -10.26 3.56 12.40
C LEU A 69 -9.41 4.75 11.97
N HIS A 70 -8.15 4.51 11.61
CA HIS A 70 -7.24 5.63 11.39
C HIS A 70 -6.12 5.23 10.44
N ILE A 71 -5.38 6.25 10.00
CA ILE A 71 -4.21 6.09 9.14
C ILE A 71 -3.04 6.83 9.77
N ASN A 72 -1.89 6.15 9.90
CA ASN A 72 -0.68 6.77 10.44
C ASN A 72 0.39 6.78 9.37
N LEU A 73 1.11 7.88 9.25
CA LEU A 73 2.28 7.99 8.37
C LEU A 73 3.51 8.11 9.25
N ILE A 74 4.45 7.18 9.12
CA ILE A 74 5.59 7.09 10.01
C ILE A 74 6.88 7.13 9.19
N PRO A 75 7.52 8.29 9.10
CA PRO A 75 8.84 8.35 8.46
C PRO A 75 9.93 7.95 9.44
N ASN A 76 10.98 7.33 8.90
CA ASN A 76 12.13 6.93 9.70
C ASN A 76 13.39 7.16 8.87
N LYS A 77 14.11 8.25 9.18
CA LYS A 77 15.26 8.62 8.37
C LYS A 77 16.44 7.67 8.58
N GLN A 78 16.54 7.04 9.76
CA GLN A 78 17.65 6.12 10.00
C GLN A 78 17.50 4.86 9.16
N ASP A 79 16.28 4.33 9.08
CA ASP A 79 15.97 3.13 8.31
C ASP A 79 15.71 3.45 6.85
N ARG A 80 15.55 4.74 6.51
CA ARG A 80 15.12 5.18 5.19
C ARG A 80 13.84 4.48 4.76
N THR A 81 12.83 4.53 5.64
CA THR A 81 11.54 3.92 5.37
C THR A 81 10.42 4.90 5.66
N LEU A 82 9.37 4.82 4.84
CA LEU A 82 8.11 5.50 5.12
C LEU A 82 7.05 4.41 5.28
N THR A 83 6.37 4.40 6.42
CA THR A 83 5.40 3.36 6.72
C THR A 83 4.01 3.99 6.76
N ILE A 84 3.06 3.38 6.05
CA ILE A 84 1.67 3.77 6.07
C ILE A 84 0.89 2.68 6.81
N VAL A 85 0.30 3.03 7.95
CA VAL A 85 -0.42 2.08 8.79
C VAL A 85 -1.89 2.44 8.77
N ASP A 86 -2.75 1.43 8.60
CA ASP A 86 -4.19 1.63 8.75
C ASP A 86 -4.77 0.49 9.57
N THR A 87 -5.90 0.77 10.20
CA THR A 87 -6.62 -0.25 10.96
C THR A 87 -7.84 -0.74 10.21
N GLY A 88 -7.69 -0.94 8.90
CA GLY A 88 -8.78 -1.41 8.06
C GLY A 88 -8.96 -2.91 8.17
N ILE A 89 -9.64 -3.46 7.16
CA ILE A 89 -10.07 -4.85 7.20
C ILE A 89 -8.89 -5.82 7.10
N GLY A 90 -7.74 -5.37 6.60
CA GLY A 90 -6.60 -6.25 6.48
C GLY A 90 -6.77 -7.23 5.34
N MET A 91 -5.83 -8.16 5.24
CA MET A 91 -5.79 -9.12 4.15
C MET A 91 -5.49 -10.51 4.69
N THR A 92 -6.18 -11.52 4.14
CA THR A 92 -5.80 -12.90 4.44
C THR A 92 -4.56 -13.29 3.66
N LYS A 93 -3.96 -14.43 4.05
CA LYS A 93 -2.84 -14.95 3.28
C LYS A 93 -3.24 -15.13 1.83
N ALA A 94 -4.46 -15.67 1.61
CA ALA A 94 -4.97 -15.84 0.26
C ALA A 94 -5.10 -14.52 -0.48
N ASP A 95 -5.56 -13.46 0.20
CA ASP A 95 -5.59 -12.14 -0.43
C ASP A 95 -4.20 -11.63 -0.78
N LEU A 96 -3.21 -11.87 0.08
CA LEU A 96 -1.87 -11.38 -0.18
C LEU A 96 -1.30 -11.98 -1.46
N ILE A 97 -1.25 -13.30 -1.54
CA ILE A 97 -1.24 -13.95 -2.84
C ILE A 97 -2.52 -13.51 -3.56
N ASN A 98 -2.58 -13.58 -4.86
CA ASN A 98 -3.72 -12.92 -5.51
C ASN A 98 -3.60 -11.41 -5.38
N ASN A 99 -2.36 -10.93 -5.46
CA ASN A 99 -2.07 -9.52 -5.77
C ASN A 99 -2.69 -8.57 -4.75
N LEU A 100 -2.50 -8.90 -3.46
CA LEU A 100 -2.87 -8.01 -2.36
C LEU A 100 -4.34 -7.58 -2.45
N GLY A 101 -5.21 -8.55 -2.72
CA GLY A 101 -6.64 -8.29 -2.77
C GLY A 101 -7.14 -7.47 -3.94
N THR A 102 -6.37 -7.38 -5.03
CA THR A 102 -6.75 -6.57 -6.18
C THR A 102 -7.13 -7.46 -7.36
N ILE A 103 -7.78 -6.85 -8.34
CA ILE A 103 -8.03 -7.50 -9.62
C ILE A 103 -6.92 -7.11 -10.59
N ALA A 104 -5.67 -7.39 -10.22
CA ALA A 104 -4.53 -6.74 -10.87
C ALA A 104 -4.38 -7.15 -12.33
N LYS A 105 -4.72 -8.38 -12.71
CA LYS A 105 -4.56 -8.76 -14.13
C LYS A 105 -5.48 -7.93 -15.02
N SER A 106 -6.78 -7.91 -14.72
CA SER A 106 -7.69 -7.13 -15.55
C SER A 106 -7.51 -5.64 -15.34
N GLY A 107 -7.13 -5.22 -14.13
CA GLY A 107 -6.86 -3.82 -13.89
C GLY A 107 -5.66 -3.32 -14.68
N THR A 108 -4.60 -4.12 -14.74
CA THR A 108 -3.43 -3.74 -15.52
C THR A 108 -3.77 -3.63 -17.01
N LYS A 109 -4.58 -4.57 -17.51
CA LYS A 109 -4.99 -4.56 -18.90
C LYS A 109 -5.75 -3.27 -19.23
N ALA A 110 -6.66 -2.85 -18.34
CA ALA A 110 -7.41 -1.62 -18.55
C ALA A 110 -6.52 -0.39 -18.44
N PHE A 111 -5.57 -0.43 -17.50
CA PHE A 111 -4.60 0.66 -17.32
C PHE A 111 -3.74 0.81 -18.57
N MET A 112 -3.18 -0.31 -19.07
CA MET A 112 -2.46 -0.30 -20.34
C MET A 112 -3.27 0.30 -21.49
N GLU A 113 -4.54 -0.13 -21.67
CA GLU A 113 -5.32 0.47 -22.74
C GLU A 113 -5.45 1.97 -22.56
N ALA A 114 -5.66 2.43 -21.32
CA ALA A 114 -5.81 3.86 -21.10
C ALA A 114 -4.54 4.63 -21.43
N LEU A 115 -3.37 4.09 -21.05
CA LEU A 115 -2.11 4.75 -21.36
C LEU A 115 -1.92 4.91 -22.85
N GLN A 116 -2.28 3.89 -23.63
CA GLN A 116 -2.14 4.00 -25.07
C GLN A 116 -3.13 4.98 -25.66
N ALA A 117 -4.23 5.28 -24.95
CA ALA A 117 -5.22 6.25 -25.39
C ALA A 117 -4.99 7.63 -24.78
N GLY A 118 -3.83 7.88 -24.17
CA GLY A 118 -3.47 9.22 -23.74
C GLY A 118 -3.45 9.45 -22.25
N ALA A 119 -3.87 8.48 -21.43
CA ALA A 119 -3.77 8.63 -19.99
C ALA A 119 -2.32 8.67 -19.56
N ASP A 120 -2.09 9.07 -18.31
CA ASP A 120 -0.74 9.05 -17.76
C ASP A 120 -0.71 8.21 -16.50
N ILE A 121 0.51 8.01 -15.98
CA ILE A 121 0.72 7.09 -14.87
C ILE A 121 -0.11 7.47 -13.66
N SER A 122 -0.39 8.77 -13.49
CA SER A 122 -1.10 9.17 -12.27
C SER A 122 -2.53 8.66 -12.22
N MET A 123 -3.09 8.16 -13.32
CA MET A 123 -4.41 7.56 -13.32
C MET A 123 -4.43 6.13 -12.79
N ILE A 124 -3.29 5.59 -12.37
CA ILE A 124 -3.15 4.16 -12.03
C ILE A 124 -4.23 3.72 -11.06
N GLY A 125 -4.57 4.58 -10.09
CA GLY A 125 -5.48 4.18 -9.02
C GLY A 125 -6.91 3.94 -9.48
N GLN A 126 -7.29 4.52 -10.61
CA GLN A 126 -8.64 4.29 -11.13
C GLN A 126 -8.80 2.89 -11.70
N PHE A 127 -7.72 2.14 -11.83
CA PHE A 127 -7.74 0.78 -12.35
C PHE A 127 -7.47 -0.24 -11.26
N GLY A 128 -7.50 0.16 -10.00
CA GLY A 128 -7.45 -0.77 -8.91
C GLY A 128 -6.08 -1.31 -8.58
N VAL A 129 -5.02 -0.79 -9.20
CA VAL A 129 -3.67 -1.29 -8.99
C VAL A 129 -2.78 -0.18 -8.46
N GLY A 130 -3.39 0.77 -7.74
CA GLY A 130 -2.62 1.89 -7.21
C GLY A 130 -1.53 1.48 -6.23
N PHE A 131 -1.68 0.33 -5.57
CA PHE A 131 -0.63 -0.14 -4.66
C PHE A 131 0.72 -0.16 -5.35
N TYR A 132 0.77 -0.59 -6.61
CA TYR A 132 2.07 -0.79 -7.25
C TYR A 132 2.79 0.52 -7.55
N SER A 133 2.10 1.65 -7.46
CA SER A 133 2.77 2.95 -7.54
C SER A 133 3.79 3.14 -6.41
N ALA A 134 3.73 2.31 -5.36
CA ALA A 134 4.78 2.30 -4.36
C ALA A 134 6.17 2.20 -4.98
N TYR A 135 6.29 1.48 -6.10
CA TYR A 135 7.61 1.30 -6.70
C TYR A 135 8.08 2.52 -7.50
N LEU A 136 7.31 3.60 -7.53
CA LEU A 136 7.85 4.87 -7.99
C LEU A 136 8.94 5.37 -7.06
N VAL A 137 8.85 5.06 -5.76
CA VAL A 137 9.79 5.61 -4.80
C VAL A 137 10.51 4.55 -3.98
N ALA A 138 10.02 3.32 -3.94
CA ALA A 138 10.59 2.28 -3.08
C ALA A 138 11.35 1.26 -3.90
N GLU A 139 12.53 0.86 -3.40
CA GLU A 139 13.26 -0.26 -3.97
C GLU A 139 12.76 -1.59 -3.42
N LYS A 140 12.16 -1.59 -2.24
CA LYS A 140 11.57 -2.79 -1.67
C LYS A 140 10.34 -2.34 -0.90
N VAL A 141 9.30 -3.18 -0.92
CA VAL A 141 8.08 -2.90 -0.18
C VAL A 141 7.75 -4.13 0.68
N THR A 142 7.47 -3.90 1.97
CA THR A 142 7.04 -4.92 2.91
C THR A 142 5.62 -4.59 3.33
N VAL A 143 4.73 -5.58 3.28
CA VAL A 143 3.33 -5.40 3.68
C VAL A 143 3.06 -6.35 4.82
N ILE A 144 2.78 -5.81 6.00
CA ILE A 144 2.36 -6.60 7.16
C ILE A 144 0.86 -6.47 7.29
N THR A 145 0.15 -7.57 7.51
CA THR A 145 -1.30 -7.45 7.50
C THR A 145 -1.92 -8.47 8.44
N LYS A 146 -3.05 -8.08 9.02
CA LYS A 146 -3.83 -8.96 9.89
C LYS A 146 -5.30 -8.76 9.59
N HIS A 147 -5.95 -9.83 9.13
CA HIS A 147 -7.38 -9.88 8.86
C HIS A 147 -8.04 -10.66 9.98
N ASN A 148 -9.30 -10.33 10.30
CA ASN A 148 -9.98 -11.03 11.40
C ASN A 148 -10.01 -12.55 11.19
N ASP A 149 -10.00 -13.01 9.94
CA ASP A 149 -10.18 -14.44 9.66
C ASP A 149 -8.87 -15.19 9.45
N ASP A 150 -7.72 -14.58 9.70
CA ASP A 150 -6.45 -15.25 9.42
C ASP A 150 -5.40 -14.76 10.41
N GLU A 151 -4.19 -15.32 10.30
CA GLU A 151 -3.08 -14.91 11.15
C GLU A 151 -2.34 -13.73 10.51
N GLN A 152 -1.36 -13.19 11.23
CA GLN A 152 -0.58 -12.05 10.75
C GLN A 152 0.50 -12.50 9.78
N TYR A 153 0.55 -11.88 8.59
CA TYR A 153 1.45 -12.30 7.52
C TYR A 153 2.26 -11.11 7.02
N ALA A 154 3.44 -11.40 6.48
CA ALA A 154 4.29 -10.39 5.86
C ALA A 154 4.55 -10.80 4.41
N TRP A 155 4.21 -9.89 3.49
CA TRP A 155 4.50 -9.96 2.07
C TRP A 155 5.68 -9.03 1.78
N GLU A 156 6.55 -9.42 0.85
CA GLU A 156 7.70 -8.58 0.52
C GLU A 156 8.09 -8.75 -0.94
N SER A 157 8.53 -7.66 -1.56
CA SER A 157 9.04 -7.76 -2.92
C SER A 157 9.95 -6.57 -3.23
N SER A 158 11.08 -6.87 -3.86
CA SER A 158 11.92 -5.87 -4.50
C SER A 158 11.73 -5.87 -6.01
N ALA A 159 10.54 -6.22 -6.46
CA ALA A 159 10.19 -6.39 -7.88
C ALA A 159 11.11 -7.49 -8.45
N GLY A 160 11.54 -7.39 -9.71
CA GLY A 160 12.33 -8.47 -10.26
C GLY A 160 11.59 -9.79 -10.42
N GLY A 161 10.27 -9.78 -10.38
CA GLY A 161 9.50 -10.93 -10.81
C GLY A 161 8.98 -11.82 -9.70
N SER A 162 9.28 -11.54 -8.43
CA SER A 162 8.88 -12.48 -7.39
C SER A 162 8.55 -11.71 -6.12
N PHE A 163 7.77 -12.36 -5.25
CA PHE A 163 7.45 -11.87 -3.91
C PHE A 163 7.50 -13.03 -2.93
N THR A 164 7.60 -12.70 -1.65
CA THR A 164 7.63 -13.71 -0.61
C THR A 164 6.48 -13.46 0.36
N VAL A 165 6.03 -14.54 1.00
CA VAL A 165 5.03 -14.48 2.06
C VAL A 165 5.52 -15.37 3.19
N ARG A 166 5.47 -14.84 4.42
CA ARG A 166 5.82 -15.62 5.60
C ARG A 166 4.89 -15.19 6.73
N THR A 167 4.72 -16.08 7.69
CA THR A 167 4.04 -15.70 8.92
C THR A 167 4.86 -14.60 9.58
N ASP A 168 4.18 -13.59 10.11
CA ASP A 168 4.89 -12.46 10.69
C ASP A 168 5.14 -12.74 12.16
N THR A 169 6.40 -12.72 12.56
CA THR A 169 6.78 -12.89 13.96
C THR A 169 6.77 -11.56 14.71
N GLY A 170 6.71 -10.43 14.01
CA GLY A 170 6.86 -9.12 14.62
C GLY A 170 5.75 -8.69 15.57
N GLU A 171 5.70 -7.40 15.82
CA GLU A 171 4.71 -6.80 16.71
C GLU A 171 3.30 -7.11 16.24
N PRO A 172 2.45 -7.74 17.06
CA PRO A 172 1.05 -7.97 16.66
C PRO A 172 0.35 -6.65 16.33
N MET A 173 -0.45 -6.67 15.26
CA MET A 173 -1.14 -5.46 14.86
C MET A 173 -2.60 -5.39 15.29
N GLY A 174 -3.22 -6.51 15.63
CA GLY A 174 -4.64 -6.45 15.97
C GLY A 174 -5.52 -6.62 14.75
N ARG A 175 -5.47 -5.65 13.85
CA ARG A 175 -6.20 -5.70 12.59
C ARG A 175 -5.71 -4.57 11.69
N GLY A 176 -5.45 -4.84 10.42
CA GLY A 176 -5.16 -3.78 9.48
C GLY A 176 -3.97 -4.13 8.61
N THR A 177 -3.34 -3.08 8.08
CA THR A 177 -2.28 -3.26 7.10
C THR A 177 -1.22 -2.22 7.32
N LYS A 178 0.03 -2.65 7.26
CA LYS A 178 1.20 -1.77 7.35
C LYS A 178 1.97 -1.91 6.05
N VAL A 179 2.10 -0.81 5.31
CA VAL A 179 2.92 -0.79 4.08
C VAL A 179 4.23 -0.08 4.42
N ILE A 180 5.34 -0.81 4.32
CA ILE A 180 6.68 -0.28 4.63
C ILE A 180 7.41 -0.06 3.31
N LEU A 181 7.68 1.19 3.00
CA LEU A 181 8.38 1.59 1.78
C LEU A 181 9.86 1.78 2.12
N HIS A 182 10.73 0.92 1.57
CA HIS A 182 12.17 1.09 1.72
C HIS A 182 12.61 1.97 0.55
N LEU A 183 12.82 3.26 0.83
CA LEU A 183 12.91 4.25 -0.24
C LEU A 183 14.20 4.11 -1.02
N LYS A 184 14.13 4.44 -2.32
CA LYS A 184 15.34 4.58 -3.11
C LYS A 184 16.19 5.73 -2.59
N GLU A 185 17.50 5.62 -2.81
CA GLU A 185 18.45 6.58 -2.25
C GLU A 185 18.13 8.02 -2.65
N ASP A 186 17.58 8.24 -3.84
CA ASP A 186 17.32 9.58 -4.33
C ASP A 186 15.87 10.04 -4.08
N GLN A 187 15.13 9.34 -3.23
CA GLN A 187 13.74 9.68 -2.95
C GLN A 187 13.50 9.95 -1.48
N THR A 188 14.53 10.41 -0.77
CA THR A 188 14.36 10.66 0.67
C THR A 188 13.60 11.94 0.98
N GLU A 189 13.23 12.74 -0.04
CA GLU A 189 12.38 13.88 0.25
C GLU A 189 11.06 13.45 0.88
N TYR A 190 10.64 12.21 0.65
CA TYR A 190 9.38 11.71 1.18
C TYR A 190 9.48 11.28 2.65
N LEU A 191 10.63 11.52 3.28
CA LEU A 191 10.77 11.41 4.72
C LEU A 191 10.70 12.75 5.42
N GLU A 192 10.66 13.86 4.68
CA GLU A 192 10.67 15.20 5.24
C GLU A 192 9.26 15.59 5.67
N GLU A 193 9.11 16.09 6.90
CA GLU A 193 7.78 16.44 7.39
C GLU A 193 7.06 17.40 6.44
N ARG A 194 7.74 18.48 6.03
CA ARG A 194 7.03 19.48 5.25
C ARG A 194 6.60 18.94 3.88
N ARG A 195 7.37 17.99 3.32
CA ARG A 195 7.02 17.40 2.04
C ARG A 195 5.80 16.49 2.18
N ILE A 196 5.80 15.63 3.21
CA ILE A 196 4.65 14.75 3.42
C ILE A 196 3.39 15.57 3.66
N LYS A 197 3.49 16.58 4.54
CA LYS A 197 2.34 17.45 4.80
C LYS A 197 1.80 18.07 3.51
N GLU A 198 2.70 18.54 2.65
CA GLU A 198 2.28 19.18 1.40
C GLU A 198 1.51 18.21 0.53
N ILE A 199 1.99 16.97 0.45
CA ILE A 199 1.35 15.96 -0.40
C ILE A 199 0.00 15.57 0.16
N VAL A 200 -0.07 15.36 1.48
CA VAL A 200 -1.34 15.00 2.11
C VAL A 200 -2.37 16.10 1.90
N LYS A 201 -1.97 17.37 2.05
CA LYS A 201 -2.94 18.44 1.89
C LYS A 201 -3.39 18.56 0.43
N LYS A 202 -2.48 18.33 -0.52
CA LYS A 202 -2.81 18.50 -1.93
C LYS A 202 -3.79 17.44 -2.40
N HIS A 203 -3.58 16.17 -1.99
CA HIS A 203 -4.28 15.04 -2.57
C HIS A 203 -5.25 14.34 -1.62
N SER A 204 -5.14 14.55 -0.30
CA SER A 204 -5.88 13.74 0.66
C SER A 204 -6.48 14.57 1.78
N GLN A 205 -6.66 15.88 1.57
CA GLN A 205 -7.14 16.76 2.62
C GLN A 205 -8.54 16.35 3.11
N PHE A 206 -9.36 15.71 2.26
CA PHE A 206 -10.73 15.38 2.64
C PHE A 206 -10.95 13.89 2.96
N ILE A 207 -9.91 13.07 3.07
CA ILE A 207 -10.07 11.68 3.50
C ILE A 207 -10.87 11.65 4.79
N GLY A 208 -11.81 10.71 4.90
CA GLY A 208 -12.73 10.68 6.03
C GLY A 208 -12.25 9.89 7.24
N TYR A 209 -10.94 9.74 7.38
CA TYR A 209 -10.33 9.13 8.55
C TYR A 209 -9.19 10.01 9.01
N PRO A 210 -8.87 10.02 10.30
CA PRO A 210 -7.76 10.85 10.77
C PRO A 210 -6.42 10.32 10.25
N ILE A 211 -5.63 11.20 9.65
CA ILE A 211 -4.29 10.89 9.19
C ILE A 211 -3.31 11.59 10.11
N THR A 212 -2.51 10.82 10.83
CA THR A 212 -1.52 11.36 11.76
C THR A 212 -0.13 11.19 11.17
N LEU A 213 0.55 12.31 10.97
CA LEU A 213 1.94 12.30 10.51
C LEU A 213 2.83 12.32 11.74
N PHE A 214 3.54 11.22 11.98
CA PHE A 214 4.44 11.10 13.11
C PHE A 214 5.68 11.96 12.87
N VAL A 215 6.27 12.46 13.95
CA VAL A 215 7.52 13.20 13.84
C VAL A 215 8.65 12.33 14.41
N GLU A 216 9.88 12.75 14.14
CA GLU A 216 11.05 12.00 14.59
C GLU A 216 11.88 12.81 15.57
N LYS A 217 12.68 12.09 16.38
CA LYS A 217 13.58 12.69 17.36
C LYS A 217 14.59 13.67 16.75
C11 A1AYB B . -9.31 15.44 -3.31
C12 A1AYB B . -11.33 11.96 0.01
C13 A1AYB B . -11.63 10.62 -0.21
C5 A1AYB B . -9.27 11.70 -1.18
C1 A1AYB B . -11.38 8.59 -3.65
C2 A1AYB B . -11.09 8.36 -1.18
C3 A1AYB B . -10.77 9.81 -0.94
C4 A1AYB B . -9.59 10.37 -1.42
C10 A1AYB B . -8.49 16.50 -2.98
C6 A1AYB B . -10.15 12.48 -0.48
C7 A1AYB B . -9.38 14.71 -1.18
C8 A1AYB B . -8.59 15.74 -0.72
C9 A1AYB B . -8.13 16.64 -1.65
N1 A1AYB B . -11.97 8.15 -2.37
N2 A1AYB B . -9.76 14.54 -2.42
O1 A1AYB B . -9.83 13.83 -0.22
#